data_5CW8
#
_entry.id   5CW8
#
_cell.length_a   49.694
_cell.length_b   67.095
_cell.length_c   124.231
_cell.angle_alpha   90.00
_cell.angle_beta   96.74
_cell.angle_gamma   90.00
#
_symmetry.space_group_name_H-M   'I 1 2 1'
#
loop_
_entity.id
_entity.type
_entity.pdbx_description
1 polymer 'HTH-type transcriptional repressor KstR'
2 non-polymer 'S-{1-[5-(6-amino-9H-purin-9-yl)-4-hydroxy-3-(phosphonooxy)tetrahydrofuran-2-yl]-3,7-dihydroxy-6,6-dimethyl-3-oxido-8,12 -dioxo-2,4-dioxa-9,13-diaza-3lambda~5~-phosphapentadecan-15-yl} (2S,6R)-6-[(8S,9S,10R,13R,14S,17R)-10,13-dimethyl-3-oxo-2,3,6,7,8,9,10,11,12,13,14,15,16,17-tetradecahydro-1H-cyclopenta [a]phenanthren-17-yl]-2-methylheptanethioate (non-preferred name)'
3 non-polymer 'TRIETHYLENE GLYCOL'
4 water water
#
_entity_poly.entity_id   1
_entity_poly.type   'polypeptide(L)'
_entity_poly.pdbx_seq_one_letter_code
;GAMEVAVLAESELGSEAQRERRKRILDATMAIASKGGYEAVQMRAVADRADVAVGTLYRYFPSKVHLLVSALGREFSRID
AKTDRSAVAGATPFQRLNFMVGKLNRAMQRNPLLTEAMTRAYVFADASAASEVDQVEKLIDSMFARAMANGEPTEDQYHI
ARVISDVWLSNLLAWLTRRASATDVSKRLDLAVRLLIGDQDSA
;
_entity_poly.pdbx_strand_id   A,B
#
# COMPACT_ATOMS: atom_id res chain seq x y z
N GLU A 16 1.17 30.38 22.82
CA GLU A 16 2.53 29.97 23.20
C GLU A 16 2.50 28.99 24.37
N ALA A 17 1.30 28.52 24.70
CA ALA A 17 1.13 27.57 25.79
C ALA A 17 0.56 26.25 25.26
N GLN A 18 -0.39 26.35 24.34
CA GLN A 18 -0.90 25.18 23.65
C GLN A 18 0.20 24.62 22.75
N ARG A 19 1.07 25.51 22.29
CA ARG A 19 2.22 25.13 21.47
C ARG A 19 3.22 24.32 22.30
N GLU A 20 3.42 24.73 23.55
CA GLU A 20 4.31 24.01 24.45
C GLU A 20 3.75 22.63 24.76
N ARG A 21 2.43 22.57 24.98
CA ARG A 21 1.77 21.31 25.25
C ARG A 21 1.89 20.35 24.07
N ARG A 22 1.54 20.84 22.88
CA ARG A 22 1.68 20.05 21.66
C ARG A 22 3.10 19.57 21.49
N LYS A 23 4.06 20.44 21.77
CA LYS A 23 5.48 20.12 21.66
C LYS A 23 5.85 18.95 22.58
N ARG A 24 5.51 19.08 23.86
CA ARG A 24 5.80 18.02 24.84
C ARG A 24 5.12 16.70 24.47
N ILE A 25 3.91 16.81 23.94
CA ILE A 25 3.11 15.65 23.58
C ILE A 25 3.73 14.87 22.42
N LEU A 26 4.06 15.58 21.35
CA LEU A 26 4.66 14.94 20.18
C LEU A 26 6.08 14.47 20.48
N ASP A 27 6.75 15.17 21.40
CA ASP A 27 8.05 14.75 21.89
C ASP A 27 7.93 13.39 22.55
N ALA A 28 7.04 13.30 23.53
CA ALA A 28 6.77 12.05 24.24
C ALA A 28 6.43 10.94 23.25
N THR A 29 5.54 11.26 22.32
CA THR A 29 5.13 10.33 21.27
C THR A 29 6.34 9.76 20.53
N MET A 30 7.22 10.65 20.08
CA MET A 30 8.39 10.25 19.32
C MET A 30 9.36 9.39 20.14
N ALA A 31 9.60 9.79 21.39
CA ALA A 31 10.53 9.06 22.25
C ALA A 31 10.02 7.65 22.56
N ILE A 32 8.73 7.56 22.88
CA ILE A 32 8.11 6.30 23.24
C ILE A 32 8.07 5.37 22.03
N ALA A 33 7.63 5.90 20.90
CA ALA A 33 7.59 5.11 19.67
C ALA A 33 8.98 4.65 19.26
N SER A 34 9.98 5.48 19.50
CA SER A 34 11.36 5.16 19.15
C SER A 34 11.89 4.06 20.06
N LYS A 35 11.48 4.06 21.32
CA LYS A 35 12.01 3.11 22.29
C LYS A 35 11.28 1.77 22.27
N GLY A 36 10.00 1.77 21.91
CA GLY A 36 9.21 0.55 22.03
C GLY A 36 8.23 0.22 20.93
N GLY A 37 8.25 1.01 19.85
CA GLY A 37 7.39 0.75 18.72
C GLY A 37 5.93 1.03 18.97
N TYR A 38 5.09 0.62 18.01
CA TYR A 38 3.66 0.91 18.03
C TYR A 38 2.96 0.45 19.30
N GLU A 39 3.31 -0.75 19.78
CA GLU A 39 2.67 -1.32 20.95
C GLU A 39 2.96 -0.52 22.22
N ALA A 40 4.06 0.23 22.21
CA ALA A 40 4.45 1.00 23.39
C ALA A 40 3.73 2.35 23.44
N VAL A 41 3.13 2.75 22.32
CA VAL A 41 2.46 4.03 22.25
C VAL A 41 1.04 3.93 22.81
N GLN A 42 0.89 4.18 24.09
CA GLN A 42 -0.42 4.23 24.73
C GLN A 42 -0.73 5.65 25.18
N MET A 43 -1.99 6.03 25.08
CA MET A 43 -2.43 7.39 25.43
C MET A 43 -2.06 7.72 26.87
N ARG A 44 -2.23 6.73 27.77
CA ARG A 44 -1.87 6.90 29.16
C ARG A 44 -0.37 7.19 29.29
N ALA A 45 0.45 6.36 28.66
CA ALA A 45 1.90 6.48 28.70
C ALA A 45 2.37 7.83 28.19
N VAL A 46 1.88 8.21 27.01
CA VAL A 46 2.25 9.46 26.37
C VAL A 46 1.84 10.65 27.25
N ALA A 47 0.61 10.61 27.74
CA ALA A 47 0.11 11.68 28.60
C ALA A 47 1.00 11.85 29.84
N ASP A 48 1.33 10.72 30.47
CA ASP A 48 2.19 10.71 31.64
C ASP A 48 3.55 11.31 31.32
N ARG A 49 4.15 10.85 30.23
CA ARG A 49 5.50 11.30 29.87
C ARG A 49 5.52 12.78 29.49
N ALA A 50 4.41 13.27 28.93
CA ALA A 50 4.34 14.65 28.47
C ALA A 50 3.85 15.60 29.56
N ASP A 51 3.52 15.03 30.73
CA ASP A 51 2.98 15.79 31.85
C ASP A 51 1.74 16.57 31.43
N VAL A 52 0.76 15.86 30.88
CA VAL A 52 -0.52 16.48 30.54
C VAL A 52 -1.66 15.65 31.13
N ALA A 53 -2.79 16.30 31.33
CA ALA A 53 -4.00 15.57 31.69
C ALA A 53 -4.33 14.66 30.51
N VAL A 54 -4.80 13.46 30.81
CA VAL A 54 -5.13 12.49 29.78
C VAL A 54 -6.20 13.07 28.87
N GLY A 55 -7.21 13.69 29.49
CA GLY A 55 -8.29 14.32 28.75
C GLY A 55 -7.81 15.40 27.80
N THR A 56 -6.76 16.10 28.18
CA THR A 56 -6.15 17.12 27.34
C THR A 56 -5.54 16.47 26.10
N LEU A 57 -4.84 15.36 26.34
CA LEU A 57 -4.24 14.59 25.27
C LEU A 57 -5.29 14.13 24.27
N TYR A 58 -6.37 13.53 24.78
CA TYR A 58 -7.47 13.10 23.93
C TYR A 58 -8.13 14.29 23.23
N ARG A 59 -8.07 15.46 23.86
CA ARG A 59 -8.67 16.66 23.30
C ARG A 59 -7.86 17.18 22.12
N TYR A 60 -6.55 16.94 22.16
CA TYR A 60 -5.70 17.35 21.04
C TYR A 60 -5.52 16.22 20.02
N PHE A 61 -5.45 14.99 20.51
CA PHE A 61 -5.25 13.82 19.66
C PHE A 61 -6.12 12.67 20.13
N PRO A 62 -7.20 12.37 19.39
CA PRO A 62 -8.19 11.36 19.78
C PRO A 62 -7.65 9.92 19.84
N SER A 63 -6.50 9.66 19.24
CA SER A 63 -5.94 8.31 19.26
C SER A 63 -4.43 8.29 19.01
N LYS A 64 -3.84 7.10 19.15
CA LYS A 64 -2.41 6.93 18.90
C LYS A 64 -2.07 7.12 17.42
N VAL A 65 -3.06 6.91 16.56
CA VAL A 65 -2.89 7.17 15.13
C VAL A 65 -2.66 8.65 14.92
N HIS A 66 -3.53 9.48 15.52
CA HIS A 66 -3.42 10.94 15.41
C HIS A 66 -2.08 11.42 15.98
N LEU A 67 -1.70 10.87 17.12
CA LEU A 67 -0.42 11.16 17.75
C LEU A 67 0.74 10.88 16.81
N LEU A 68 0.81 9.64 16.32
CA LEU A 68 1.93 9.22 15.51
C LEU A 68 2.01 9.96 14.18
N VAL A 69 0.85 10.20 13.56
CA VAL A 69 0.83 10.88 12.27
C VAL A 69 1.18 12.36 12.43
N SER A 70 0.70 12.99 13.50
CA SER A 70 1.07 14.37 13.77
C SER A 70 2.57 14.48 14.03
N ALA A 71 3.11 13.53 14.78
CA ALA A 71 4.53 13.49 15.07
C ALA A 71 5.34 13.39 13.78
N LEU A 72 4.97 12.43 12.94
CA LEU A 72 5.57 12.25 11.63
C LEU A 72 5.53 13.54 10.81
N GLY A 73 4.37 14.19 10.82
CA GLY A 73 4.20 15.45 10.13
C GLY A 73 5.19 16.51 10.59
N ARG A 74 5.28 16.68 11.89
CA ARG A 74 6.21 17.64 12.47
C ARG A 74 7.65 17.32 12.08
N GLU A 75 7.98 16.04 12.10
CA GLU A 75 9.32 15.62 11.71
C GLU A 75 9.61 15.94 10.26
N PHE A 76 8.62 15.77 9.39
CA PHE A 76 8.78 16.11 7.98
C PHE A 76 8.97 17.61 7.79
N SER A 77 8.12 18.41 8.44
CA SER A 77 8.22 19.86 8.33
C SER A 77 9.56 20.37 8.88
N ARG A 78 10.13 19.64 9.84
CA ARG A 78 11.42 20.01 10.38
C ARG A 78 12.56 19.56 9.48
N ILE A 79 12.39 18.43 8.81
CA ILE A 79 13.35 17.97 7.81
C ILE A 79 13.39 18.99 6.67
N ASP A 80 12.25 19.59 6.39
CA ASP A 80 12.12 20.59 5.33
C ASP A 80 13.13 21.72 5.48
N ALA A 81 13.14 22.33 6.67
CA ALA A 81 14.07 23.44 6.94
C ALA A 81 15.49 22.92 7.13
N ALA A 89 19.89 19.52 -3.72
CA ALA A 89 21.27 19.13 -3.92
C ALA A 89 21.42 18.28 -5.19
N GLY A 90 21.68 18.93 -6.31
CA GLY A 90 21.84 18.23 -7.58
C GLY A 90 21.55 19.10 -8.79
N ALA A 91 22.00 18.65 -9.95
CA ALA A 91 21.79 19.39 -11.20
C ALA A 91 20.44 19.07 -11.81
N THR A 92 20.18 17.78 -12.02
CA THR A 92 18.92 17.34 -12.62
C THR A 92 17.88 16.99 -11.56
N PRO A 93 16.59 17.07 -11.91
CA PRO A 93 15.51 16.63 -11.02
C PRO A 93 15.70 15.22 -10.50
N PHE A 94 16.26 14.35 -11.34
CA PHE A 94 16.57 12.97 -10.95
C PHE A 94 17.51 12.94 -9.75
N GLN A 95 18.58 13.70 -9.83
CA GLN A 95 19.59 13.72 -8.77
C GLN A 95 19.04 14.34 -7.48
N ARG A 96 18.32 15.44 -7.61
CA ARG A 96 17.75 16.12 -6.44
C ARG A 96 16.76 15.23 -5.72
N LEU A 97 15.86 14.60 -6.50
CA LEU A 97 14.86 13.72 -5.91
C LEU A 97 15.52 12.48 -5.30
N ASN A 98 16.51 11.91 -5.98
CA ASN A 98 17.24 10.76 -5.44
C ASN A 98 17.94 11.13 -4.15
N PHE A 99 18.33 12.39 -4.05
CA PHE A 99 18.94 12.91 -2.83
C PHE A 99 17.91 12.97 -1.70
N MET A 100 16.72 13.47 -2.01
CA MET A 100 15.64 13.56 -1.03
C MET A 100 15.27 12.17 -0.51
N VAL A 101 14.96 11.29 -1.46
CA VAL A 101 14.61 9.91 -1.19
C VAL A 101 15.72 9.21 -0.42
N GLY A 102 16.96 9.55 -0.74
CA GLY A 102 18.11 9.01 -0.07
C GLY A 102 18.17 9.41 1.39
N LYS A 103 17.90 10.69 1.66
CA LYS A 103 17.88 11.19 3.03
C LYS A 103 16.78 10.50 3.84
N LEU A 104 15.56 10.56 3.33
CA LEU A 104 14.43 9.96 4.05
C LEU A 104 14.60 8.45 4.23
N ASN A 105 15.24 7.81 3.26
CA ASN A 105 15.48 6.37 3.30
C ASN A 105 16.51 6.03 4.37
N ARG A 106 17.60 6.79 4.40
CA ARG A 106 18.61 6.66 5.44
C ARG A 106 17.97 6.82 6.81
N ALA A 107 17.12 7.84 6.94
CA ALA A 107 16.42 8.10 8.19
C ALA A 107 15.55 6.91 8.59
N MET A 108 14.82 6.35 7.62
CA MET A 108 13.99 5.17 7.86
C MET A 108 14.81 4.02 8.40
N GLN A 109 15.91 3.70 7.72
CA GLN A 109 16.74 2.57 8.11
C GLN A 109 17.41 2.80 9.47
N ARG A 110 17.55 4.07 9.85
CA ARG A 110 18.22 4.42 11.10
C ARG A 110 17.27 4.35 12.29
N ASN A 111 15.98 4.14 12.03
CA ASN A 111 14.99 4.11 13.09
C ASN A 111 13.91 3.05 12.85
N PRO A 112 14.28 1.76 13.00
CA PRO A 112 13.38 0.63 12.70
C PRO A 112 12.08 0.65 13.49
N LEU A 113 12.17 0.84 14.80
CA LEU A 113 10.98 0.79 15.65
C LEU A 113 10.04 1.95 15.40
N LEU A 114 10.62 3.13 15.22
CA LEU A 114 9.83 4.31 14.88
C LEU A 114 9.12 4.11 13.55
N THR A 115 9.83 3.50 12.61
CA THR A 115 9.27 3.20 11.29
C THR A 115 8.12 2.19 11.43
N GLU A 116 8.28 1.23 12.33
CA GLU A 116 7.23 0.26 12.60
C GLU A 116 5.99 0.99 13.13
N ALA A 117 6.22 1.90 14.07
CA ALA A 117 5.14 2.68 14.67
C ALA A 117 4.39 3.49 13.61
N MET A 118 5.13 4.20 12.76
CA MET A 118 4.53 5.02 11.71
C MET A 118 3.76 4.19 10.69
N THR A 119 4.37 3.11 10.23
CA THR A 119 3.75 2.25 9.21
C THR A 119 2.46 1.65 9.75
N ARG A 120 2.51 1.19 11.00
CA ARG A 120 1.34 0.60 11.64
C ARG A 120 0.26 1.66 11.78
N ALA A 121 0.68 2.89 12.11
CA ALA A 121 -0.22 4.01 12.22
C ALA A 121 -0.94 4.29 10.90
N TYR A 122 -0.20 4.20 9.79
CA TYR A 122 -0.78 4.43 8.48
C TYR A 122 -1.68 3.27 8.07
N VAL A 123 -1.38 2.08 8.55
CA VAL A 123 -2.25 0.94 8.31
C VAL A 123 -3.60 1.18 9.00
N PHE A 124 -3.56 1.69 10.22
CA PHE A 124 -4.80 1.85 10.99
C PHE A 124 -5.47 3.21 10.83
N ALA A 125 -4.88 4.08 10.04
CA ALA A 125 -5.45 5.41 9.83
C ALA A 125 -6.74 5.33 9.01
N ASP A 126 -7.83 5.84 9.57
CA ASP A 126 -9.09 5.90 8.83
C ASP A 126 -9.54 7.34 8.63
N ALA A 127 -10.83 7.52 8.34
CA ALA A 127 -11.40 8.82 8.02
C ALA A 127 -11.22 9.82 9.15
N SER A 128 -11.27 9.34 10.40
CA SER A 128 -11.16 10.20 11.56
C SER A 128 -9.79 10.88 11.65
N ALA A 129 -8.80 10.30 10.99
CA ALA A 129 -7.46 10.87 10.99
C ALA A 129 -7.16 11.59 9.68
N ALA A 130 -8.18 11.67 8.82
CA ALA A 130 -8.05 12.25 7.48
C ALA A 130 -7.20 13.51 7.46
N SER A 131 -7.59 14.50 8.25
CA SER A 131 -6.87 15.76 8.34
C SER A 131 -5.39 15.53 8.60
N GLU A 132 -5.10 14.85 9.70
CA GLU A 132 -3.73 14.61 10.12
C GLU A 132 -2.96 13.89 9.02
N VAL A 133 -3.65 13.06 8.24
CA VAL A 133 -2.97 12.33 7.18
C VAL A 133 -2.73 13.25 6.00
N ASP A 134 -3.75 14.04 5.65
CA ASP A 134 -3.64 14.95 4.51
C ASP A 134 -2.46 15.88 4.72
N GLN A 135 -2.37 16.46 5.91
CA GLN A 135 -1.28 17.35 6.27
C GLN A 135 0.08 16.71 6.00
N VAL A 136 0.20 15.42 6.27
CA VAL A 136 1.47 14.76 6.02
C VAL A 136 1.69 14.65 4.51
N GLU A 137 0.66 14.19 3.79
CA GLU A 137 0.74 14.04 2.34
C GLU A 137 1.27 15.30 1.70
N LYS A 138 0.49 16.38 1.81
CA LYS A 138 0.86 17.69 1.28
C LYS A 138 2.31 18.00 1.58
N LEU A 139 2.75 17.68 2.79
CA LEU A 139 4.12 17.97 3.17
C LEU A 139 5.09 17.15 2.34
N ILE A 140 5.03 15.83 2.46
CA ILE A 140 6.08 15.00 1.89
C ILE A 140 6.04 15.14 0.37
N ASP A 141 4.84 15.14 -0.20
CA ASP A 141 4.67 15.37 -1.63
C ASP A 141 5.33 16.67 -2.05
N SER A 142 5.07 17.74 -1.29
CA SER A 142 5.68 19.03 -1.60
C SER A 142 7.19 18.85 -1.59
N MET A 143 7.68 18.18 -0.55
CA MET A 143 9.11 17.99 -0.37
C MET A 143 9.70 17.24 -1.54
N PHE A 144 8.89 16.38 -2.16
CA PHE A 144 9.35 15.66 -3.33
C PHE A 144 9.23 16.58 -4.55
N ALA A 145 8.08 17.23 -4.68
CA ALA A 145 7.80 18.08 -5.83
C ALA A 145 8.84 19.19 -5.95
N ARG A 146 8.99 19.95 -4.87
CA ARG A 146 9.97 21.02 -4.83
C ARG A 146 11.40 20.49 -4.99
N ALA A 147 11.60 19.22 -4.70
CA ALA A 147 12.93 18.63 -4.91
C ALA A 147 13.17 18.50 -6.41
N MET A 148 12.12 18.13 -7.15
CA MET A 148 12.23 17.94 -8.58
C MET A 148 12.21 19.25 -9.37
N ALA A 149 11.51 20.24 -8.85
CA ALA A 149 11.22 21.44 -9.62
C ALA A 149 12.15 22.61 -9.29
N ASN A 150 12.57 23.32 -10.32
CA ASN A 150 13.27 24.59 -10.15
C ASN A 150 12.25 25.72 -10.09
N GLY A 151 11.74 25.97 -8.89
CA GLY A 151 10.69 26.93 -8.70
C GLY A 151 9.40 26.23 -8.32
N GLU A 152 8.27 26.80 -8.72
CA GLU A 152 6.97 26.22 -8.42
C GLU A 152 6.82 24.89 -9.16
N PRO A 153 6.45 23.84 -8.43
CA PRO A 153 6.30 22.51 -9.03
C PRO A 153 5.08 22.39 -9.96
N THR A 154 5.21 21.57 -10.99
CA THR A 154 4.12 21.30 -11.91
C THR A 154 3.16 20.26 -11.32
N GLU A 155 2.02 20.07 -11.97
CA GLU A 155 1.04 19.09 -11.53
C GLU A 155 1.61 17.68 -11.58
N ASP A 156 2.25 17.37 -12.70
CA ASP A 156 2.88 16.07 -12.89
C ASP A 156 3.90 15.75 -11.81
N GLN A 157 4.62 16.77 -11.35
CA GLN A 157 5.64 16.54 -10.32
C GLN A 157 4.98 16.17 -8.98
N TYR A 158 3.87 16.81 -8.66
CA TYR A 158 3.08 16.44 -7.49
C TYR A 158 2.59 15.00 -7.61
N HIS A 159 2.07 14.67 -8.79
CA HIS A 159 1.60 13.32 -9.09
C HIS A 159 2.69 12.26 -8.89
N ILE A 160 3.88 12.59 -9.40
CA ILE A 160 5.06 11.75 -9.28
C ILE A 160 5.42 11.53 -7.83
N ALA A 161 5.34 12.62 -7.06
CA ALA A 161 5.57 12.56 -5.62
C ALA A 161 4.63 11.55 -4.97
N ARG A 162 3.35 11.66 -5.33
CA ARG A 162 2.34 10.76 -4.77
C ARG A 162 2.60 9.30 -5.13
N VAL A 163 3.04 9.06 -6.37
CA VAL A 163 3.40 7.72 -6.80
C VAL A 163 4.55 7.17 -5.93
N ILE A 164 5.57 8.00 -5.74
CA ILE A 164 6.70 7.66 -4.88
C ILE A 164 6.21 7.23 -3.51
N SER A 165 5.37 8.07 -2.90
CA SER A 165 4.83 7.82 -1.57
C SER A 165 4.04 6.51 -1.52
N ASP A 166 3.37 6.19 -2.61
CA ASP A 166 2.56 4.99 -2.67
C ASP A 166 3.41 3.72 -2.76
N VAL A 167 4.45 3.77 -3.58
CA VAL A 167 5.42 2.69 -3.66
C VAL A 167 6.04 2.48 -2.27
N TRP A 168 6.42 3.59 -1.65
CA TRP A 168 6.99 3.58 -0.30
C TRP A 168 6.07 2.88 0.70
N LEU A 169 4.79 3.24 0.67
CA LEU A 169 3.84 2.72 1.65
C LEU A 169 3.53 1.24 1.41
N SER A 170 3.35 0.86 0.15
CA SER A 170 3.06 -0.53 -0.19
C SER A 170 4.21 -1.44 0.23
N ASN A 171 5.42 -1.05 -0.14
CA ASN A 171 6.58 -1.85 0.22
C ASN A 171 6.82 -1.85 1.72
N LEU A 172 6.48 -0.76 2.40
CA LEU A 172 6.50 -0.72 3.85
C LEU A 172 5.49 -1.69 4.45
N LEU A 173 4.37 -1.88 3.74
CA LEU A 173 3.38 -2.85 4.17
C LEU A 173 3.97 -4.25 4.11
N ALA A 174 4.70 -4.53 3.04
CA ALA A 174 5.40 -5.82 2.95
C ALA A 174 6.44 -5.95 4.08
N TRP A 175 7.12 -4.86 4.38
CA TRP A 175 8.19 -4.83 5.39
C TRP A 175 7.66 -5.11 6.80
N LEU A 176 6.55 -4.45 7.13
CA LEU A 176 5.92 -4.57 8.44
C LEU A 176 5.54 -6.02 8.75
N THR A 177 5.09 -6.73 7.71
CA THR A 177 4.66 -8.11 7.86
C THR A 177 5.81 -9.08 7.63
N ARG A 178 7.02 -8.54 7.59
CA ARG A 178 8.23 -9.33 7.41
C ARG A 178 8.21 -10.19 6.14
N ARG A 179 7.79 -9.57 5.03
CA ARG A 179 7.85 -10.22 3.72
C ARG A 179 8.85 -9.50 2.82
N ALA A 180 9.44 -8.43 3.35
CA ALA A 180 10.48 -7.69 2.65
C ALA A 180 11.33 -6.92 3.67
N SER A 181 12.57 -6.63 3.30
CA SER A 181 13.47 -5.89 4.17
C SER A 181 13.43 -4.40 3.85
N ALA A 182 14.08 -3.60 4.68
CA ALA A 182 14.15 -2.16 4.47
C ALA A 182 14.96 -1.84 3.21
N THR A 183 15.95 -2.67 2.92
CA THR A 183 16.78 -2.49 1.74
C THR A 183 15.96 -2.78 0.48
N ASP A 184 15.06 -3.75 0.56
CA ASP A 184 14.13 -4.04 -0.53
C ASP A 184 13.29 -2.80 -0.83
N VAL A 185 12.85 -2.16 0.24
CA VAL A 185 12.07 -0.93 0.15
C VAL A 185 12.89 0.13 -0.58
N SER A 186 14.13 0.30 -0.13
CA SER A 186 15.05 1.25 -0.76
C SER A 186 15.19 0.99 -2.26
N LYS A 187 15.46 -0.27 -2.61
CA LYS A 187 15.61 -0.70 -3.99
C LYS A 187 14.38 -0.31 -4.81
N ARG A 188 13.21 -0.70 -4.34
CA ARG A 188 11.95 -0.40 -5.02
C ARG A 188 11.79 1.10 -5.24
N LEU A 189 12.13 1.88 -4.22
CA LEU A 189 12.03 3.33 -4.32
C LEU A 189 12.94 3.90 -5.40
N ASP A 190 14.19 3.43 -5.43
CA ASP A 190 15.14 3.88 -6.44
C ASP A 190 14.65 3.53 -7.84
N LEU A 191 14.22 2.29 -8.00
CA LEU A 191 13.61 1.83 -9.24
C LEU A 191 12.47 2.74 -9.69
N ALA A 192 11.60 3.10 -8.74
CA ALA A 192 10.45 3.94 -9.06
C ALA A 192 10.88 5.35 -9.48
N VAL A 193 11.83 5.92 -8.76
CA VAL A 193 12.36 7.24 -9.09
C VAL A 193 12.90 7.23 -10.51
N ARG A 194 13.63 6.16 -10.85
CA ARG A 194 14.24 6.04 -12.16
C ARG A 194 13.20 5.85 -13.27
N LEU A 195 12.18 5.06 -12.99
CA LEU A 195 11.13 4.81 -13.97
C LEU A 195 10.31 6.07 -14.22
N LEU A 196 10.13 6.87 -13.17
CA LEU A 196 9.31 8.07 -13.27
C LEU A 196 10.05 9.22 -13.93
N ILE A 197 11.23 9.58 -13.44
CA ILE A 197 11.93 10.74 -13.96
C ILE A 197 13.40 10.48 -14.28
N GLY A 198 13.77 9.21 -14.39
CA GLY A 198 15.15 8.86 -14.65
C GLY A 198 15.67 9.30 -16.01
N SER B 15 -3.57 -35.50 -8.40
CA SER B 15 -4.59 -36.24 -9.13
C SER B 15 -5.40 -35.31 -10.03
N GLU B 16 -6.50 -35.83 -10.55
CA GLU B 16 -7.46 -35.01 -11.28
C GLU B 16 -8.49 -34.49 -10.29
N ALA B 17 -8.80 -35.30 -9.29
CA ALA B 17 -9.73 -34.92 -8.23
C ALA B 17 -9.16 -33.78 -7.38
N GLN B 18 -7.84 -33.72 -7.29
CA GLN B 18 -7.17 -32.62 -6.60
C GLN B 18 -7.57 -31.28 -7.21
N ARG B 19 -7.43 -31.20 -8.54
CA ARG B 19 -7.75 -29.98 -9.27
C ARG B 19 -9.23 -29.60 -9.08
N GLU B 20 -10.08 -30.61 -8.99
CA GLU B 20 -11.50 -30.41 -8.79
C GLU B 20 -11.78 -29.81 -7.41
N ARG B 21 -11.18 -30.43 -6.38
CA ARG B 21 -11.31 -29.94 -5.01
C ARG B 21 -10.86 -28.48 -4.93
N ARG B 22 -9.64 -28.22 -5.40
CA ARG B 22 -9.11 -26.86 -5.41
C ARG B 22 -10.05 -25.89 -6.14
N LYS B 23 -10.60 -26.35 -7.26
CA LYS B 23 -11.51 -25.51 -8.05
C LYS B 23 -12.75 -25.13 -7.25
N ARG B 24 -13.37 -26.11 -6.60
CA ARG B 24 -14.57 -25.86 -5.81
C ARG B 24 -14.25 -24.97 -4.61
N ILE B 25 -13.05 -25.15 -4.07
CA ILE B 25 -12.60 -24.39 -2.92
C ILE B 25 -12.46 -22.92 -3.29
N LEU B 26 -11.78 -22.65 -4.40
CA LEU B 26 -11.55 -21.27 -4.81
C LEU B 26 -12.82 -20.63 -5.36
N ASP B 27 -13.70 -21.44 -5.92
CA ASP B 27 -15.01 -20.97 -6.36
C ASP B 27 -15.83 -20.51 -5.15
N ALA B 28 -15.79 -21.32 -4.09
CA ALA B 28 -16.47 -20.99 -2.84
C ALA B 28 -15.87 -19.72 -2.24
N THR B 29 -14.54 -19.65 -2.24
CA THR B 29 -13.83 -18.47 -1.76
C THR B 29 -14.30 -17.21 -2.49
N MET B 30 -14.29 -17.29 -3.82
CA MET B 30 -14.72 -16.17 -4.66
C MET B 30 -16.15 -15.75 -4.36
N ALA B 31 -17.07 -16.71 -4.36
CA ALA B 31 -18.48 -16.43 -4.13
C ALA B 31 -18.74 -15.81 -2.75
N ILE B 32 -18.22 -16.44 -1.71
CA ILE B 32 -18.39 -15.98 -0.34
C ILE B 32 -17.79 -14.58 -0.16
N ALA B 33 -16.56 -14.40 -0.65
CA ALA B 33 -15.88 -13.11 -0.54
C ALA B 33 -16.64 -12.01 -1.28
N SER B 34 -17.16 -12.35 -2.45
CA SER B 34 -17.87 -11.38 -3.29
C SER B 34 -19.22 -11.00 -2.69
N LYS B 35 -19.82 -11.93 -1.94
CA LYS B 35 -21.14 -11.70 -1.37
C LYS B 35 -21.08 -11.02 -0.01
N GLY B 36 -20.10 -11.38 0.81
CA GLY B 36 -20.06 -10.92 2.19
C GLY B 36 -18.75 -10.34 2.69
N GLY B 37 -17.80 -10.12 1.77
CA GLY B 37 -16.55 -9.49 2.13
C GLY B 37 -15.56 -10.36 2.88
N TYR B 38 -14.59 -9.71 3.51
CA TYR B 38 -13.49 -10.40 4.20
C TYR B 38 -13.99 -11.24 5.38
N GLU B 39 -14.85 -10.64 6.20
CA GLU B 39 -15.35 -11.28 7.41
C GLU B 39 -16.08 -12.59 7.11
N ALA B 40 -16.76 -12.65 5.97
CA ALA B 40 -17.56 -13.81 5.62
C ALA B 40 -16.69 -15.03 5.29
N VAL B 41 -15.45 -14.79 4.88
CA VAL B 41 -14.59 -15.88 4.43
C VAL B 41 -14.04 -16.65 5.61
N GLN B 42 -14.84 -17.57 6.14
CA GLN B 42 -14.42 -18.41 7.24
C GLN B 42 -14.22 -19.84 6.74
N MET B 43 -13.28 -20.56 7.33
CA MET B 43 -12.87 -21.87 6.84
C MET B 43 -14.01 -22.88 6.75
N ARG B 44 -14.84 -22.93 7.79
CA ARG B 44 -15.96 -23.87 7.81
C ARG B 44 -16.98 -23.51 6.73
N ALA B 45 -17.19 -22.22 6.51
CA ALA B 45 -18.13 -21.77 5.49
C ALA B 45 -17.65 -22.14 4.10
N VAL B 46 -16.36 -21.95 3.86
CA VAL B 46 -15.77 -22.26 2.56
C VAL B 46 -15.80 -23.76 2.31
N ALA B 47 -15.36 -24.55 3.30
CA ALA B 47 -15.36 -26.00 3.19
C ALA B 47 -16.79 -26.50 2.97
N ASP B 48 -17.74 -25.84 3.62
CA ASP B 48 -19.15 -26.18 3.49
C ASP B 48 -19.64 -25.95 2.06
N ARG B 49 -19.48 -24.73 1.57
CA ARG B 49 -19.99 -24.38 0.24
C ARG B 49 -19.25 -25.17 -0.85
N ALA B 50 -17.97 -25.43 -0.63
CA ALA B 50 -17.15 -26.14 -1.61
C ALA B 50 -17.31 -27.66 -1.51
N ASP B 51 -18.06 -28.11 -0.50
CA ASP B 51 -18.29 -29.54 -0.26
C ASP B 51 -16.97 -30.29 -0.06
N VAL B 52 -16.16 -29.81 0.87
CA VAL B 52 -14.93 -30.50 1.25
C VAL B 52 -14.85 -30.58 2.77
N ALA B 53 -13.93 -31.40 3.26
CA ALA B 53 -13.69 -31.50 4.69
C ALA B 53 -12.85 -30.32 5.14
N VAL B 54 -13.14 -29.79 6.32
CA VAL B 54 -12.41 -28.65 6.88
C VAL B 54 -10.93 -28.95 6.94
N GLY B 55 -10.59 -30.19 7.26
CA GLY B 55 -9.21 -30.62 7.38
C GLY B 55 -8.45 -30.58 6.08
N THR B 56 -9.11 -31.02 5.00
CA THR B 56 -8.48 -30.99 3.68
C THR B 56 -8.33 -29.55 3.20
N LEU B 57 -9.28 -28.70 3.60
CA LEU B 57 -9.20 -27.29 3.29
C LEU B 57 -7.98 -26.67 3.97
N TYR B 58 -7.91 -26.84 5.29
CA TYR B 58 -6.76 -26.40 6.08
C TYR B 58 -5.46 -26.97 5.52
N ARG B 59 -5.54 -28.15 4.91
CA ARG B 59 -4.37 -28.78 4.31
C ARG B 59 -3.93 -28.00 3.07
N TYR B 60 -4.85 -27.79 2.14
CA TYR B 60 -4.52 -27.13 0.88
C TYR B 60 -4.36 -25.61 1.03
N PHE B 61 -5.11 -25.03 1.96
CA PHE B 61 -5.09 -23.59 2.19
C PHE B 61 -5.20 -23.26 3.68
N PRO B 62 -4.07 -22.99 4.33
CA PRO B 62 -3.95 -22.83 5.79
C PRO B 62 -4.75 -21.68 6.40
N SER B 63 -5.02 -20.63 5.64
CA SER B 63 -5.77 -19.50 6.17
C SER B 63 -6.65 -18.85 5.12
N LYS B 64 -7.42 -17.85 5.53
CA LYS B 64 -8.28 -17.13 4.60
C LYS B 64 -7.42 -16.27 3.66
N VAL B 65 -6.22 -15.90 4.13
CA VAL B 65 -5.29 -15.15 3.30
C VAL B 65 -4.83 -16.00 2.12
N HIS B 66 -4.50 -17.25 2.41
CA HIS B 66 -4.09 -18.20 1.39
C HIS B 66 -5.21 -18.42 0.37
N LEU B 67 -6.43 -18.54 0.89
CA LEU B 67 -7.61 -18.72 0.06
C LEU B 67 -7.81 -17.55 -0.89
N LEU B 68 -7.79 -16.34 -0.33
CA LEU B 68 -8.07 -15.15 -1.09
C LEU B 68 -6.98 -14.86 -2.13
N VAL B 69 -5.73 -14.96 -1.70
CA VAL B 69 -4.61 -14.69 -2.60
C VAL B 69 -4.57 -15.74 -3.71
N SER B 70 -4.84 -17.00 -3.35
CA SER B 70 -4.88 -18.06 -4.34
C SER B 70 -6.00 -17.84 -5.36
N ALA B 71 -7.18 -17.49 -4.87
CA ALA B 71 -8.32 -17.21 -5.76
C ALA B 71 -8.02 -16.05 -6.70
N LEU B 72 -7.38 -15.00 -6.19
CA LEU B 72 -7.01 -13.87 -7.02
C LEU B 72 -6.04 -14.31 -8.11
N GLY B 73 -5.08 -15.14 -7.71
CA GLY B 73 -4.14 -15.73 -8.64
C GLY B 73 -4.84 -16.46 -9.77
N ARG B 74 -5.79 -17.32 -9.42
CA ARG B 74 -6.55 -18.06 -10.41
C ARG B 74 -7.30 -17.12 -11.34
N GLU B 75 -7.86 -16.06 -10.76
CA GLU B 75 -8.58 -15.06 -11.56
C GLU B 75 -7.69 -14.42 -12.61
N PHE B 76 -6.49 -14.02 -12.22
CA PHE B 76 -5.57 -13.42 -13.17
C PHE B 76 -5.05 -14.44 -14.19
N SER B 77 -4.98 -15.70 -13.79
CA SER B 77 -4.61 -16.77 -14.71
C SER B 77 -5.68 -16.92 -15.80
N ARG B 78 -6.94 -16.96 -15.37
CA ARG B 78 -8.07 -17.04 -16.30
C ARG B 78 -8.09 -15.85 -17.24
N ILE B 79 -8.00 -14.65 -16.68
CA ILE B 79 -7.99 -13.42 -17.48
C ILE B 79 -6.88 -13.48 -18.51
N ASP B 80 -5.69 -13.90 -18.08
CA ASP B 80 -4.55 -14.03 -18.98
C ASP B 80 -4.83 -15.03 -20.10
N ALA B 81 -5.57 -16.09 -19.78
CA ALA B 81 -5.96 -17.07 -20.79
C ALA B 81 -6.89 -16.43 -21.81
N LYS B 82 -8.18 -16.38 -21.49
CA LYS B 82 -9.17 -15.78 -22.37
C LYS B 82 -8.93 -14.28 -22.51
N ALA B 87 -9.53 -9.45 -32.42
CA ALA B 87 -9.58 -8.66 -31.19
C ALA B 87 -8.86 -7.32 -31.37
N VAL B 88 -9.58 -6.23 -31.14
CA VAL B 88 -9.00 -4.90 -31.25
C VAL B 88 -8.21 -4.56 -29.99
N ALA B 89 -6.91 -4.37 -30.14
CA ALA B 89 -6.03 -4.08 -29.02
C ALA B 89 -5.30 -2.75 -29.20
N GLY B 90 -4.76 -2.22 -28.11
CA GLY B 90 -4.05 -0.95 -28.15
C GLY B 90 -2.85 -0.92 -29.06
N ALA B 91 -2.57 0.23 -29.64
CA ALA B 91 -1.47 0.39 -30.58
C ALA B 91 -0.14 0.64 -29.88
N THR B 92 -0.21 1.06 -28.61
CA THR B 92 0.99 1.35 -27.83
C THR B 92 0.97 0.56 -26.51
N PRO B 93 2.12 0.46 -25.84
CA PRO B 93 2.14 -0.08 -24.48
C PRO B 93 1.16 0.64 -23.56
N PHE B 94 1.16 1.97 -23.66
CA PHE B 94 0.28 2.83 -22.85
C PHE B 94 -1.20 2.49 -23.03
N GLN B 95 -1.60 2.28 -24.29
CA GLN B 95 -3.00 2.00 -24.61
C GLN B 95 -3.42 0.62 -24.12
N ARG B 96 -2.58 -0.38 -24.32
CA ARG B 96 -2.88 -1.73 -23.88
C ARG B 96 -2.96 -1.82 -22.35
N LEU B 97 -2.02 -1.18 -21.67
CA LEU B 97 -2.04 -1.19 -20.21
C LEU B 97 -3.21 -0.37 -19.68
N ASN B 98 -3.53 0.72 -20.37
CA ASN B 98 -4.65 1.57 -19.99
C ASN B 98 -5.97 0.81 -20.12
N PHE B 99 -6.06 -0.02 -21.16
CA PHE B 99 -7.23 -0.84 -21.39
C PHE B 99 -7.36 -1.90 -20.31
N MET B 100 -6.26 -2.61 -20.06
CA MET B 100 -6.19 -3.62 -19.01
C MET B 100 -6.63 -3.06 -17.65
N VAL B 101 -5.94 -2.02 -17.20
CA VAL B 101 -6.22 -1.37 -15.94
C VAL B 101 -7.66 -0.88 -15.90
N GLY B 102 -8.14 -0.39 -17.04
CA GLY B 102 -9.53 0.02 -17.17
C GLY B 102 -10.50 -1.10 -16.83
N LYS B 103 -10.36 -2.23 -17.52
CA LYS B 103 -11.22 -3.39 -17.29
C LYS B 103 -11.17 -3.85 -15.83
N LEU B 104 -9.96 -4.04 -15.31
CA LEU B 104 -9.79 -4.47 -13.93
C LEU B 104 -10.43 -3.47 -12.96
N ASN B 105 -10.43 -2.20 -13.36
CA ASN B 105 -10.96 -1.14 -12.52
C ASN B 105 -12.49 -1.16 -12.49
N ARG B 106 -13.09 -1.42 -13.65
CA ARG B 106 -14.54 -1.57 -13.72
C ARG B 106 -14.98 -2.79 -12.92
N ALA B 107 -14.21 -3.88 -13.05
CA ALA B 107 -14.49 -5.08 -12.27
C ALA B 107 -14.37 -4.78 -10.77
N MET B 108 -13.42 -3.92 -10.43
CA MET B 108 -13.20 -3.52 -9.05
C MET B 108 -14.37 -2.73 -8.49
N GLN B 109 -14.87 -1.78 -9.27
CA GLN B 109 -15.98 -0.95 -8.84
C GLN B 109 -17.28 -1.74 -8.78
N ARG B 110 -17.40 -2.75 -9.65
CA ARG B 110 -18.58 -3.59 -9.66
C ARG B 110 -18.60 -4.54 -8.45
N ASN B 111 -17.44 -4.77 -7.84
CA ASN B 111 -17.35 -5.69 -6.70
C ASN B 111 -16.59 -5.11 -5.53
N PRO B 112 -17.20 -4.15 -4.81
CA PRO B 112 -16.56 -3.51 -3.65
C PRO B 112 -16.25 -4.49 -2.51
N LEU B 113 -17.07 -5.52 -2.33
CA LEU B 113 -16.86 -6.46 -1.23
C LEU B 113 -15.72 -7.43 -1.51
N LEU B 114 -15.60 -7.84 -2.78
CA LEU B 114 -14.49 -8.67 -3.21
C LEU B 114 -13.19 -7.89 -3.10
N THR B 115 -13.26 -6.61 -3.47
CA THR B 115 -12.11 -5.72 -3.36
C THR B 115 -11.73 -5.55 -1.91
N GLU B 116 -12.73 -5.44 -1.04
CA GLU B 116 -12.50 -5.31 0.40
C GLU B 116 -11.77 -6.55 0.95
N ALA B 117 -12.29 -7.72 0.57
CA ALA B 117 -11.68 -8.97 1.00
C ALA B 117 -10.24 -9.11 0.53
N MET B 118 -9.99 -8.83 -0.74
CA MET B 118 -8.63 -8.94 -1.28
C MET B 118 -7.68 -7.93 -0.65
N THR B 119 -8.16 -6.72 -0.48
CA THR B 119 -7.36 -5.65 0.10
C THR B 119 -6.93 -6.04 1.51
N ARG B 120 -7.90 -6.44 2.33
CA ARG B 120 -7.60 -6.88 3.69
C ARG B 120 -6.67 -8.09 3.69
N ALA B 121 -6.85 -8.96 2.70
CA ALA B 121 -5.99 -10.13 2.56
C ALA B 121 -4.53 -9.70 2.37
N TYR B 122 -4.31 -8.68 1.55
CA TYR B 122 -2.94 -8.25 1.25
C TYR B 122 -2.34 -7.38 2.35
N VAL B 123 -3.17 -6.64 3.06
CA VAL B 123 -2.68 -5.86 4.18
C VAL B 123 -2.27 -6.80 5.30
N PHE B 124 -3.13 -7.78 5.59
CA PHE B 124 -2.92 -8.68 6.72
C PHE B 124 -2.07 -9.91 6.36
N ALA B 125 -1.63 -9.99 5.11
CA ALA B 125 -0.78 -11.11 4.68
C ALA B 125 0.57 -11.07 5.39
N ASP B 126 0.94 -12.19 6.00
CA ASP B 126 2.18 -12.26 6.77
C ASP B 126 3.20 -13.20 6.13
N ALA B 127 4.20 -13.59 6.91
CA ALA B 127 5.30 -14.43 6.42
C ALA B 127 4.83 -15.81 5.96
N SER B 128 3.85 -16.35 6.68
CA SER B 128 3.35 -17.70 6.40
C SER B 128 2.60 -17.80 5.07
N ALA B 129 2.36 -16.65 4.44
CA ALA B 129 1.70 -16.61 3.14
C ALA B 129 2.64 -16.01 2.10
N ALA B 130 3.83 -15.63 2.57
CA ALA B 130 4.80 -14.88 1.76
C ALA B 130 5.06 -15.53 0.41
N SER B 131 5.03 -16.86 0.37
CA SER B 131 5.20 -17.58 -0.89
C SER B 131 4.06 -17.25 -1.83
N GLU B 132 2.84 -17.61 -1.41
CA GLU B 132 1.64 -17.46 -2.25
C GLU B 132 1.55 -16.05 -2.82
N VAL B 133 1.63 -15.06 -1.94
CA VAL B 133 1.64 -13.65 -2.32
C VAL B 133 2.58 -13.43 -3.50
N ASP B 134 3.86 -13.78 -3.30
CA ASP B 134 4.87 -13.60 -4.33
C ASP B 134 4.45 -14.25 -5.64
N GLN B 135 3.95 -15.48 -5.55
CA GLN B 135 3.49 -16.21 -6.73
C GLN B 135 2.46 -15.37 -7.49
N VAL B 136 1.45 -14.88 -6.77
CA VAL B 136 0.39 -14.14 -7.42
C VAL B 136 0.97 -12.81 -7.90
N GLU B 137 1.95 -12.32 -7.14
CA GLU B 137 2.67 -11.11 -7.51
C GLU B 137 3.31 -11.29 -8.87
N LYS B 138 3.81 -12.49 -9.15
CA LYS B 138 4.42 -12.77 -10.43
C LYS B 138 3.35 -12.85 -11.52
N LEU B 139 2.17 -13.37 -11.18
CA LEU B 139 1.11 -13.51 -12.16
C LEU B 139 0.63 -12.14 -12.62
N ILE B 140 0.05 -11.38 -11.69
CA ILE B 140 -0.45 -10.04 -11.93
C ILE B 140 0.51 -9.23 -12.78
N ASP B 141 1.69 -8.96 -12.22
CA ASP B 141 2.75 -8.21 -12.91
C ASP B 141 2.93 -8.70 -14.34
N SER B 142 3.08 -10.02 -14.50
CA SER B 142 3.36 -10.60 -15.81
C SER B 142 2.29 -10.14 -16.78
N MET B 143 1.03 -10.32 -16.37
CA MET B 143 -0.10 -9.83 -17.15
C MET B 143 0.19 -8.43 -17.66
N PHE B 144 0.30 -7.49 -16.72
CA PHE B 144 0.53 -6.10 -17.06
C PHE B 144 1.69 -6.00 -18.03
N ALA B 145 2.81 -6.60 -17.64
CA ALA B 145 4.04 -6.47 -18.40
C ALA B 145 3.80 -6.97 -19.82
N ARG B 146 3.17 -8.14 -19.95
CA ARG B 146 2.98 -8.71 -21.28
C ARG B 146 2.11 -7.78 -22.10
N ALA B 147 1.07 -7.23 -21.45
CA ALA B 147 0.17 -6.32 -22.15
C ALA B 147 0.95 -5.11 -22.65
N MET B 148 1.91 -4.65 -21.86
CA MET B 148 2.69 -3.49 -22.27
C MET B 148 3.51 -3.85 -23.49
N ALA B 149 4.04 -5.07 -23.51
CA ALA B 149 4.96 -5.47 -24.57
C ALA B 149 4.20 -6.07 -25.75
N ASN B 150 2.98 -6.50 -25.48
CA ASN B 150 2.20 -7.29 -26.44
C ASN B 150 3.05 -8.49 -26.85
N GLY B 151 3.73 -9.06 -25.86
CA GLY B 151 4.65 -10.16 -26.06
C GLY B 151 5.59 -10.28 -24.88
N GLU B 152 6.83 -10.71 -25.15
CA GLU B 152 7.84 -10.80 -24.10
C GLU B 152 8.23 -9.42 -23.59
N PRO B 153 8.00 -9.18 -22.29
CA PRO B 153 8.25 -7.87 -21.67
C PRO B 153 9.72 -7.64 -21.32
N THR B 154 10.13 -6.38 -21.30
CA THR B 154 11.45 -6.02 -20.80
C THR B 154 11.43 -6.01 -19.28
N GLU B 155 12.60 -5.93 -18.67
CA GLU B 155 12.70 -5.90 -17.22
C GLU B 155 11.98 -4.68 -16.66
N ASP B 156 12.18 -3.55 -17.33
CA ASP B 156 11.57 -2.30 -16.92
C ASP B 156 10.05 -2.37 -16.93
N GLN B 157 9.48 -3.15 -17.83
CA GLN B 157 8.02 -3.28 -17.90
C GLN B 157 7.49 -4.11 -16.74
N TYR B 158 8.26 -5.09 -16.30
CA TYR B 158 7.93 -5.82 -15.08
C TYR B 158 7.98 -4.87 -13.88
N HIS B 159 8.99 -4.01 -13.87
CA HIS B 159 9.13 -3.01 -12.81
C HIS B 159 7.94 -2.04 -12.78
N ILE B 160 7.52 -1.60 -13.96
CA ILE B 160 6.39 -0.70 -14.10
C ILE B 160 5.13 -1.40 -13.60
N ALA B 161 5.01 -2.68 -13.93
CA ALA B 161 3.91 -3.49 -13.43
C ALA B 161 3.87 -3.44 -11.90
N ARG B 162 5.04 -3.63 -11.28
CA ARG B 162 5.10 -3.62 -9.82
C ARG B 162 4.74 -2.24 -9.23
N VAL B 163 5.21 -1.17 -9.87
CA VAL B 163 4.88 0.17 -9.40
C VAL B 163 3.37 0.41 -9.47
N ILE B 164 2.77 -0.01 -10.58
CA ILE B 164 1.32 0.07 -10.75
C ILE B 164 0.62 -0.68 -9.62
N SER B 165 1.08 -1.89 -9.33
CA SER B 165 0.49 -2.68 -8.26
C SER B 165 0.61 -2.00 -6.90
N ASP B 166 1.73 -1.32 -6.67
CA ASP B 166 1.94 -0.61 -5.41
C ASP B 166 1.00 0.57 -5.27
N VAL B 167 0.87 1.35 -6.34
CA VAL B 167 -0.11 2.44 -6.39
C VAL B 167 -1.50 1.90 -6.04
N TRP B 168 -1.88 0.82 -6.73
CA TRP B 168 -3.16 0.17 -6.52
C TRP B 168 -3.38 -0.20 -5.06
N LEU B 169 -2.38 -0.87 -4.46
CA LEU B 169 -2.51 -1.37 -3.10
C LEU B 169 -2.59 -0.25 -2.07
N SER B 170 -1.78 0.79 -2.25
CA SER B 170 -1.81 1.91 -1.32
C SER B 170 -3.14 2.66 -1.38
N ASN B 171 -3.62 2.89 -2.59
CA ASN B 171 -4.86 3.64 -2.74
C ASN B 171 -6.07 2.79 -2.32
N LEU B 172 -5.92 1.47 -2.42
CA LEU B 172 -6.93 0.57 -1.89
C LEU B 172 -6.88 0.56 -0.37
N LEU B 173 -5.69 0.81 0.19
CA LEU B 173 -5.57 0.95 1.63
C LEU B 173 -6.27 2.22 2.08
N ALA B 174 -6.20 3.26 1.25
CA ALA B 174 -6.93 4.49 1.53
C ALA B 174 -8.45 4.28 1.44
N TRP B 175 -8.87 3.59 0.39
CA TRP B 175 -10.29 3.32 0.14
C TRP B 175 -10.90 2.44 1.23
N LEU B 176 -10.14 1.44 1.66
CA LEU B 176 -10.56 0.50 2.70
C LEU B 176 -10.95 1.24 3.96
N THR B 177 -10.17 2.26 4.30
CA THR B 177 -10.34 3.01 5.53
C THR B 177 -11.08 4.34 5.30
N ARG B 178 -11.79 4.41 4.19
CA ARG B 178 -12.67 5.54 3.86
C ARG B 178 -11.93 6.89 3.84
N ARG B 179 -10.66 6.87 3.47
CA ARG B 179 -9.91 8.11 3.26
C ARG B 179 -9.88 8.45 1.78
N ALA B 180 -10.44 7.56 0.96
CA ALA B 180 -10.48 7.77 -0.47
C ALA B 180 -11.64 7.00 -1.09
N SER B 181 -12.05 7.42 -2.28
CA SER B 181 -13.14 6.76 -2.98
C SER B 181 -12.59 5.79 -4.02
N ALA B 182 -13.46 4.96 -4.59
CA ALA B 182 -13.08 4.04 -5.64
C ALA B 182 -12.63 4.83 -6.87
N THR B 183 -13.34 5.92 -7.12
CA THR B 183 -13.02 6.85 -8.19
C THR B 183 -11.59 7.35 -8.05
N ASP B 184 -11.21 7.76 -6.86
CA ASP B 184 -9.85 8.25 -6.60
C ASP B 184 -8.80 7.19 -6.91
N VAL B 185 -9.10 5.95 -6.54
CA VAL B 185 -8.22 4.83 -6.84
C VAL B 185 -8.02 4.71 -8.34
N SER B 186 -9.13 4.72 -9.08
CA SER B 186 -9.08 4.65 -10.54
C SER B 186 -8.25 5.78 -11.16
N LYS B 187 -8.48 7.00 -10.68
CA LYS B 187 -7.76 8.17 -11.16
C LYS B 187 -6.27 8.06 -10.89
N ARG B 188 -5.92 7.56 -9.71
CA ARG B 188 -4.53 7.40 -9.33
C ARG B 188 -3.86 6.38 -10.21
N LEU B 189 -4.59 5.33 -10.58
CA LEU B 189 -4.07 4.31 -11.48
C LEU B 189 -3.82 4.88 -12.87
N ASP B 190 -4.79 5.62 -13.40
CA ASP B 190 -4.62 6.25 -14.71
C ASP B 190 -3.41 7.18 -14.71
N LEU B 191 -3.32 8.00 -13.67
CA LEU B 191 -2.18 8.90 -13.49
C LEU B 191 -0.86 8.14 -13.52
N ALA B 192 -0.78 7.08 -12.73
CA ALA B 192 0.43 6.27 -12.66
C ALA B 192 0.80 5.71 -14.02
N VAL B 193 -0.19 5.17 -14.72
CA VAL B 193 0.02 4.61 -16.06
C VAL B 193 0.61 5.66 -17.00
N ARG B 194 0.00 6.83 -17.06
CA ARG B 194 0.49 7.88 -17.95
C ARG B 194 1.90 8.34 -17.56
N LEU B 195 2.13 8.58 -16.28
CA LEU B 195 3.44 9.02 -15.81
C LEU B 195 4.52 8.00 -16.10
N LEU B 196 4.17 6.72 -16.10
CA LEU B 196 5.16 5.68 -16.28
C LEU B 196 5.44 5.36 -17.76
N ILE B 197 4.39 5.22 -18.57
CA ILE B 197 4.59 4.84 -19.97
C ILE B 197 3.71 5.62 -20.95
N GLY B 198 3.38 6.86 -20.60
CA GLY B 198 2.48 7.68 -21.41
C GLY B 198 2.89 7.90 -22.86
N ASP B 199 2.03 7.47 -23.78
CA ASP B 199 2.23 7.64 -25.22
C ASP B 199 0.96 7.25 -25.98
#